data_7SOW
#
_entry.id   7SOW
#
_cell.length_a   36.804
_cell.length_b   46.885
_cell.length_c   57.904
_cell.angle_alpha   90.000
_cell.angle_beta   90.000
_cell.angle_gamma   90.000
#
_symmetry.space_group_name_H-M   'P 21 21 21'
#
loop_
_entity.id
_entity.type
_entity.pdbx_description
1 polymer 'Isoform 2 of La-related protein 1'
2 polymer "RNA (5'-R(P*UP*UP*UP*UP*UP*U)-3')"
3 non-polymer 1,2-ETHANEDIOL
4 water water
#
loop_
_entity_poly.entity_id
_entity_poly.type
_entity_poly.pdbx_seq_one_letter_code
_entity_poly.pdbx_strand_id
1 'polypeptide(L)'
;MGSSHHHHHHSQELLKDYIKRQIEYYFSVDNLERDFFLRRKMDADGFLPITLIASFHRVQALTTDISLIFAALKDSKVVE
IVDEKVRRREEPEKWPLPP
;
A
2 'polyribonucleotide' UUUUUU B
#
# COMPACT_ATOMS: atom_id res chain seq x y z
N HIS A 5 4.51 -9.04 -25.15
CA HIS A 5 4.11 -10.41 -24.84
C HIS A 5 5.16 -11.13 -23.98
N HIS A 6 6.04 -10.39 -23.30
CA HIS A 6 6.92 -10.96 -22.31
C HIS A 6 6.29 -10.97 -20.92
N HIS A 7 5.07 -10.45 -20.79
CA HIS A 7 4.36 -10.43 -19.52
C HIS A 7 3.55 -11.71 -19.32
N HIS A 8 3.74 -12.35 -18.17
CA HIS A 8 3.01 -13.58 -17.85
C HIS A 8 2.64 -13.58 -16.37
N HIS A 9 1.38 -13.97 -16.10
CA HIS A 9 0.87 -14.05 -14.73
C HIS A 9 1.79 -14.83 -13.79
N HIS A 10 2.24 -16.02 -14.20
CA HIS A 10 3.07 -16.85 -13.32
C HIS A 10 4.35 -16.11 -12.93
N SER A 11 4.93 -15.37 -13.87
CA SER A 11 6.14 -14.66 -13.59
C SER A 11 5.91 -13.26 -12.96
N GLN A 12 4.76 -13.04 -12.28
CA GLN A 12 4.58 -11.90 -11.40
C GLN A 12 4.26 -12.28 -9.96
N GLU A 13 4.15 -13.56 -9.64
CA GLU A 13 3.73 -13.96 -8.30
C GLU A 13 4.73 -13.56 -7.20
N LEU A 14 6.04 -13.75 -7.47
CA LEU A 14 7.02 -13.35 -6.49
C LEU A 14 7.07 -11.84 -6.35
N LEU A 15 7.01 -11.13 -7.49
CA LEU A 15 6.98 -9.69 -7.43
C LEU A 15 5.84 -9.17 -6.58
N LYS A 16 4.64 -9.79 -6.74
CA LYS A 16 3.50 -9.45 -5.91
C LYS A 16 3.82 -9.64 -4.44
N ASP A 17 4.49 -10.74 -4.09
CA ASP A 17 4.80 -10.95 -2.68
C ASP A 17 5.75 -9.88 -2.14
N TYR A 18 6.75 -9.47 -2.91
CA TYR A 18 7.64 -8.38 -2.46
C TYR A 18 6.87 -7.05 -2.31
N ILE A 19 5.98 -6.75 -3.24
CA ILE A 19 5.19 -5.53 -3.13
C ILE A 19 4.27 -5.58 -1.90
N LYS A 20 3.63 -6.71 -1.68
CA LYS A 20 2.72 -6.85 -0.54
C LYS A 20 3.47 -6.61 0.75
N ARG A 21 4.62 -7.26 0.91
CA ARG A 21 5.39 -7.10 2.14
C ARG A 21 5.85 -5.65 2.32
N GLN A 22 6.24 -4.99 1.25
CA GLN A 22 6.68 -3.60 1.34
C GLN A 22 5.56 -2.71 1.84
N ILE A 23 4.37 -2.87 1.26
CA ILE A 23 3.28 -1.97 1.62
C ILE A 23 2.80 -2.32 3.04
N GLU A 24 2.80 -3.60 3.40
CA GLU A 24 2.42 -3.95 4.78
C GLU A 24 3.41 -3.35 5.79
N TYR A 25 4.69 -3.17 5.42
CA TYR A 25 5.61 -2.43 6.28
C TYR A 25 5.13 -0.99 6.49
N TYR A 26 4.74 -0.28 5.40
CA TYR A 26 4.30 1.11 5.59
C TYR A 26 3.14 1.19 6.57
N PHE A 27 2.25 0.20 6.56
CA PHE A 27 1.05 0.23 7.40
C PHE A 27 1.25 -0.53 8.72
N SER A 28 2.49 -0.90 9.06
CA SER A 28 2.75 -1.52 10.35
C SER A 28 2.74 -0.47 11.46
N VAL A 29 2.40 -0.91 12.68
CA VAL A 29 2.44 -0.01 13.83
C VAL A 29 3.82 0.59 14.01
N ASP A 30 4.87 -0.24 13.87
CA ASP A 30 6.24 0.23 14.05
C ASP A 30 6.52 1.42 13.14
N ASN A 31 6.20 1.29 11.86
CA ASN A 31 6.40 2.41 10.94
C ASN A 31 5.47 3.58 11.24
N LEU A 32 4.17 3.31 11.46
CA LEU A 32 3.21 4.41 11.62
C LEU A 32 3.54 5.29 12.82
N GLU A 33 4.17 4.73 13.87
CA GLU A 33 4.55 5.55 15.03
C GLU A 33 5.51 6.66 14.64
N ARG A 34 6.27 6.51 13.56
CA ARG A 34 7.20 7.54 13.15
C ARG A 34 6.90 8.15 11.80
N ASP A 35 5.91 7.63 11.05
CA ASP A 35 5.72 8.04 9.66
C ASP A 35 4.73 9.21 9.58
N PHE A 36 5.23 10.39 9.98
CA PHE A 36 4.36 11.55 10.00
C PHE A 36 3.96 12.01 8.61
N PHE A 37 4.84 11.81 7.61
CA PHE A 37 4.48 12.19 6.25
C PHE A 37 3.26 11.41 5.81
N LEU A 38 3.28 10.08 5.97
CA LEU A 38 2.16 9.26 5.54
C LEU A 38 0.86 9.62 6.25
N ARG A 39 0.94 9.79 7.58
CA ARG A 39 -0.23 10.09 8.38
C ARG A 39 -0.82 11.45 8.04
N ARG A 40 0.04 12.45 7.71
CA ARG A 40 -0.36 13.80 7.34
C ARG A 40 -1.05 13.78 5.99
N LYS A 41 -0.92 12.68 5.20
CA LYS A 41 -1.60 12.48 3.92
C LYS A 41 -2.91 11.71 4.03
N MET A 42 -3.26 11.22 5.21
CA MET A 42 -4.43 10.33 5.32
C MET A 42 -5.69 11.22 5.39
N ASP A 43 -6.82 10.69 4.91
CA ASP A 43 -8.09 11.33 5.24
C ASP A 43 -8.52 10.96 6.67
N ALA A 44 -9.63 11.54 7.13
CA ALA A 44 -10.02 11.34 8.52
C ALA A 44 -10.36 9.88 8.83
N ASP A 45 -10.65 9.08 7.79
CA ASP A 45 -10.90 7.65 8.00
C ASP A 45 -9.65 6.76 7.82
N GLY A 46 -8.48 7.36 7.64
CA GLY A 46 -7.25 6.62 7.49
C GLY A 46 -6.89 6.28 6.06
N PHE A 47 -7.72 6.62 5.05
CA PHE A 47 -7.46 6.19 3.68
C PHE A 47 -6.40 7.06 3.03
N LEU A 48 -5.61 6.44 2.18
CA LEU A 48 -4.63 7.07 1.31
C LEU A 48 -4.87 6.62 -0.13
N PRO A 49 -4.56 7.47 -1.11
CA PRO A 49 -4.60 6.99 -2.51
C PRO A 49 -3.60 5.88 -2.72
N ILE A 50 -4.02 4.79 -3.35
CA ILE A 50 -3.09 3.73 -3.76
C ILE A 50 -2.04 4.27 -4.69
N THR A 51 -2.38 5.24 -5.55
CA THR A 51 -1.34 5.83 -6.43
C THR A 51 -0.26 6.58 -5.66
N LEU A 52 -0.57 7.14 -4.48
CA LEU A 52 0.48 7.72 -3.65
C LEU A 52 1.45 6.64 -3.15
N ILE A 53 0.91 5.53 -2.65
CA ILE A 53 1.77 4.41 -2.26
C ILE A 53 2.63 3.93 -3.43
N ALA A 54 2.05 3.86 -4.63
CA ALA A 54 2.74 3.39 -5.81
C ALA A 54 3.94 4.27 -6.14
N SER A 55 3.92 5.55 -5.76
CA SER A 55 4.98 6.51 -6.06
C SER A 55 6.15 6.39 -5.11
N PHE A 56 6.03 5.70 -3.98
CA PHE A 56 7.14 5.59 -3.01
C PHE A 56 8.28 4.76 -3.62
N HIS A 57 9.51 5.14 -3.29
CA HIS A 57 10.67 4.65 -4.04
C HIS A 57 10.76 3.13 -4.03
N ARG A 58 10.50 2.48 -2.88
CA ARG A 58 10.70 1.04 -2.85
C ARG A 58 9.63 0.28 -3.61
N VAL A 59 8.41 0.83 -3.74
CA VAL A 59 7.37 0.23 -4.59
C VAL A 59 7.69 0.48 -6.05
N GLN A 60 8.00 1.75 -6.38
CA GLN A 60 8.31 2.11 -7.76
C GLN A 60 9.51 1.36 -8.32
N ALA A 61 10.48 1.02 -7.46
CA ALA A 61 11.61 0.19 -7.90
C ALA A 61 11.12 -1.15 -8.40
N LEU A 62 10.17 -1.75 -7.69
CA LEU A 62 9.65 -3.09 -8.00
C LEU A 62 8.74 -3.10 -9.22
N THR A 63 7.88 -2.10 -9.37
CA THR A 63 6.91 -2.08 -10.48
C THR A 63 6.35 -0.68 -10.65
N THR A 64 5.89 -0.44 -11.88
CA THR A 64 4.93 0.65 -12.16
C THR A 64 3.58 0.16 -12.65
N ASP A 65 3.30 -1.13 -12.51
CA ASP A 65 2.04 -1.76 -12.91
C ASP A 65 1.02 -1.65 -11.79
N ILE A 66 0.03 -0.78 -11.97
CA ILE A 66 -0.89 -0.53 -10.88
C ILE A 66 -1.80 -1.74 -10.61
N SER A 67 -2.11 -2.57 -11.62
CA SER A 67 -2.90 -3.80 -11.40
CA SER A 67 -2.90 -3.76 -11.35
C SER A 67 -2.16 -4.74 -10.46
N LEU A 68 -0.83 -4.86 -10.63
CA LEU A 68 -0.02 -5.69 -9.76
CA LEU A 68 -0.03 -5.71 -9.75
C LEU A 68 -0.05 -5.20 -8.32
N ILE A 69 0.02 -3.87 -8.13
CA ILE A 69 -0.06 -3.31 -6.79
C ILE A 69 -1.42 -3.62 -6.15
N PHE A 70 -2.53 -3.39 -6.88
CA PHE A 70 -3.85 -3.76 -6.38
C PHE A 70 -3.91 -5.25 -6.03
N ALA A 71 -3.40 -6.11 -6.92
CA ALA A 71 -3.47 -7.56 -6.66
C ALA A 71 -2.69 -7.94 -5.42
N ALA A 72 -1.51 -7.34 -5.23
CA ALA A 72 -0.68 -7.63 -4.07
C ALA A 72 -1.43 -7.33 -2.80
N LEU A 73 -2.28 -6.28 -2.79
CA LEU A 73 -2.97 -5.85 -1.59
C LEU A 73 -4.27 -6.56 -1.35
N LYS A 74 -4.88 -7.10 -2.39
CA LYS A 74 -6.01 -7.95 -2.13
C LYS A 74 -5.60 -9.17 -1.32
N ASP A 75 -4.32 -9.49 -1.38
CA ASP A 75 -3.73 -10.63 -0.68
C ASP A 75 -3.38 -10.34 0.78
N SER A 76 -3.66 -9.14 1.30
CA SER A 76 -3.16 -8.70 2.60
C SER A 76 -4.26 -8.71 3.66
N LYS A 77 -3.94 -9.25 4.85
CA LYS A 77 -4.77 -9.13 6.05
C LYS A 77 -4.49 -7.86 6.86
N VAL A 78 -3.52 -7.05 6.43
CA VAL A 78 -3.12 -5.87 7.19
C VAL A 78 -3.85 -4.61 6.74
N VAL A 79 -4.21 -4.53 5.45
CA VAL A 79 -4.79 -3.34 4.84
C VAL A 79 -6.14 -3.68 4.22
N GLU A 80 -6.92 -2.62 4.00
CA GLU A 80 -8.26 -2.69 3.43
C GLU A 80 -8.26 -1.75 2.23
N ILE A 81 -8.75 -2.22 1.07
CA ILE A 81 -8.92 -1.38 -0.11
C ILE A 81 -10.40 -1.03 -0.26
N VAL A 82 -10.70 0.25 -0.52
CA VAL A 82 -11.99 0.66 -1.02
C VAL A 82 -11.75 1.51 -2.26
N ASP A 83 -12.21 1.04 -3.41
CA ASP A 83 -12.03 1.74 -4.67
C ASP A 83 -10.58 2.10 -4.94
N GLU A 84 -10.20 3.38 -4.96
CA GLU A 84 -8.82 3.81 -5.24
C GLU A 84 -7.98 4.00 -4.00
N LYS A 85 -8.49 3.69 -2.82
CA LYS A 85 -7.80 4.04 -1.58
C LYS A 85 -7.58 2.82 -0.70
N VAL A 86 -6.59 2.97 0.18
CA VAL A 86 -6.14 1.89 1.06
C VAL A 86 -5.91 2.45 2.46
N ARG A 87 -6.19 1.61 3.46
CA ARG A 87 -5.92 1.99 4.84
C ARG A 87 -5.56 0.76 5.66
N ARG A 88 -4.98 1.01 6.85
CA ARG A 88 -4.76 -0.08 7.80
C ARG A 88 -6.10 -0.64 8.27
N ARG A 89 -6.22 -1.98 8.31
CA ARG A 89 -7.50 -2.61 8.71
C ARG A 89 -7.83 -2.35 10.17
N GLU A 90 -6.84 -2.42 11.06
CA GLU A 90 -7.06 -2.33 12.50
C GLU A 90 -7.01 -0.86 12.91
N GLU A 91 -8.08 -0.34 13.53
CA GLU A 91 -8.11 0.99 14.11
C GLU A 91 -7.52 2.07 13.20
N PRO A 92 -7.93 2.14 11.93
CA PRO A 92 -7.30 3.13 11.04
C PRO A 92 -7.44 4.56 11.51
N GLU A 93 -8.54 4.89 12.20
CA GLU A 93 -8.84 6.27 12.53
C GLU A 93 -7.94 6.82 13.63
N LYS A 94 -7.10 5.98 14.27
CA LYS A 94 -6.18 6.51 15.25
C LYS A 94 -4.99 7.26 14.64
N TRP A 95 -4.67 7.01 13.37
CA TRP A 95 -3.41 7.45 12.78
C TRP A 95 -3.42 8.77 12.00
N PRO A 96 -4.50 9.24 11.39
CA PRO A 96 -4.43 10.50 10.63
C PRO A 96 -3.88 11.68 11.45
N LEU A 97 -3.18 12.60 10.78
CA LEU A 97 -2.68 13.82 11.38
C LEU A 97 -2.97 15.03 10.50
N PRO A 98 -3.03 16.21 11.08
CA PRO A 98 -3.22 17.44 10.26
C PRO A 98 -2.11 17.57 9.24
N PRO A 99 -2.41 18.07 8.04
CA PRO A 99 -1.44 18.08 6.93
C PRO A 99 -0.19 18.89 7.24
#